data_8J70
#
_entry.id   8J70
#
_cell.length_a   76.629
_cell.length_b   119.071
_cell.length_c   64.679
_cell.angle_alpha   90.00
_cell.angle_beta   90.00
_cell.angle_gamma   90.00
#
_symmetry.space_group_name_H-M   'C 2 2 21'
#
loop_
_entity.id
_entity.type
_entity.pdbx_description
1 polymer 'Nuclear body protein SP140'
2 polymer "DNA (5'-D(*GP*GP*GP*CP*GP*GP*CP*CP*GP*CP*CP*CP*T)-3')"
3 non-polymer selenourea
4 water water
#
loop_
_entity_poly.entity_id
_entity_poly.type
_entity_poly.pdbx_seq_one_letter_code
_entity_poly.pdbx_strand_id
1 'polypeptide(L)'
;GPLGSDETVDFKAPLLPVTCGGVKGILHKKKLQQGILVKCIQTEDGKWFTPTEFEIKGGHARSKNWRLSVRCGGWPLRWL
MENGFLPDPPRIRYRKKKR
;
A,B
2 'polydeoxyribonucleotide' (DG)(DG)(DG)(DC)(DG)(DG)(DC)(DC)(DG)(DC)(DC)(DC)(DT) C,D
#
loop_
_chem_comp.id
_chem_comp.type
_chem_comp.name
_chem_comp.formula
DC DNA linking 2'-DEOXYCYTIDINE-5'-MONOPHOSPHATE 'C9 H14 N3 O7 P'
DG DNA linking 2'-DEOXYGUANOSINE-5'-MONOPHOSPHATE 'C10 H14 N5 O7 P'
DT DNA linking THYMIDINE-5'-MONOPHOSPHATE 'C10 H15 N2 O8 P'
SEY non-polymer selenourea 'C H4 N2 Se'
#
# COMPACT_ATOMS: atom_id res chain seq x y z
N THR A 8 12.65 -13.75 -3.44
CA THR A 8 13.52 -12.57 -3.37
C THR A 8 13.92 -12.11 -4.77
N VAL A 9 13.74 -10.81 -5.03
CA VAL A 9 13.99 -10.20 -6.33
C VAL A 9 14.89 -8.99 -6.14
N ASP A 10 15.85 -8.81 -7.06
CA ASP A 10 16.71 -7.62 -7.02
C ASP A 10 15.93 -6.44 -7.58
N PHE A 11 15.29 -5.69 -6.68
CA PHE A 11 14.48 -4.54 -7.08
C PHE A 11 15.30 -3.46 -7.75
N LYS A 12 16.62 -3.50 -7.64
CA LYS A 12 17.46 -2.48 -8.24
C LYS A 12 17.93 -2.85 -9.64
N ALA A 13 17.51 -4.00 -10.18
CA ALA A 13 17.88 -4.38 -11.54
C ALA A 13 17.12 -3.55 -12.56
N PRO A 14 17.72 -3.24 -13.70
CA PRO A 14 17.00 -2.52 -14.75
C PRO A 14 15.91 -3.35 -15.41
N LEU A 15 16.00 -4.66 -15.30
CA LEU A 15 14.99 -5.57 -15.82
C LEU A 15 14.35 -6.23 -14.60
N LEU A 16 13.03 -6.21 -14.52
CA LEU A 16 12.37 -6.74 -13.34
C LEU A 16 11.36 -7.81 -13.75
N PRO A 17 11.40 -9.00 -13.15
CA PRO A 17 10.32 -9.99 -13.39
C PRO A 17 9.04 -9.55 -12.71
N VAL A 18 7.99 -9.35 -13.49
CA VAL A 18 6.69 -8.96 -12.95
C VAL A 18 5.65 -10.02 -13.25
N THR A 19 4.54 -9.96 -12.52
CA THR A 19 3.44 -10.91 -12.70
C THR A 19 2.12 -10.16 -12.64
N CYS A 20 1.11 -10.73 -13.28
CA CYS A 20 -0.23 -10.22 -13.10
C CYS A 20 -1.17 -11.38 -13.38
N GLY A 21 -1.94 -11.80 -12.36
CA GLY A 21 -2.69 -13.03 -12.57
C GLY A 21 -1.70 -14.15 -12.79
N GLY A 22 -2.03 -15.06 -13.71
CA GLY A 22 -1.05 -16.10 -13.98
C GLY A 22 0.08 -15.73 -14.91
N VAL A 23 0.14 -14.49 -15.38
CA VAL A 23 1.01 -14.11 -16.49
C VAL A 23 2.28 -13.52 -15.93
N LYS A 24 3.43 -13.90 -16.53
CA LYS A 24 4.74 -13.39 -16.16
C LYS A 24 5.34 -12.59 -17.31
N GLY A 25 6.22 -11.65 -16.99
CA GLY A 25 6.92 -10.93 -18.03
C GLY A 25 8.05 -10.16 -17.39
N ILE A 26 8.85 -9.51 -18.23
CA ILE A 26 9.98 -8.72 -17.77
C ILE A 26 9.66 -7.25 -18.00
N LEU A 27 9.72 -6.45 -16.94
CA LEU A 27 9.50 -5.02 -17.04
C LEU A 27 10.85 -4.33 -17.27
N HIS A 28 10.90 -3.51 -18.30
CA HIS A 28 12.10 -2.74 -18.66
C HIS A 28 11.95 -1.34 -18.06
N LYS A 29 12.74 -1.06 -17.01
CA LYS A 29 12.61 0.21 -16.31
C LYS A 29 12.83 1.41 -17.24
N LYS A 30 13.82 1.32 -18.15
CA LYS A 30 14.10 2.49 -18.97
C LYS A 30 12.97 2.77 -19.95
N LYS A 31 12.21 1.75 -20.31
CA LYS A 31 11.03 2.01 -21.12
C LYS A 31 9.89 2.58 -20.29
N LEU A 32 9.70 2.06 -19.07
CA LEU A 32 8.62 2.57 -18.22
C LEU A 32 8.79 4.06 -17.95
N GLN A 33 10.03 4.49 -17.66
CA GLN A 33 10.37 5.90 -17.42
C GLN A 33 9.72 6.82 -18.44
N GLN A 34 9.58 6.35 -19.67
CA GLN A 34 9.20 7.23 -20.78
C GLN A 34 7.75 7.64 -20.71
N GLY A 35 6.91 6.86 -20.05
CA GLY A 35 5.49 7.17 -19.93
C GLY A 35 4.64 5.92 -20.00
N ILE A 36 3.38 6.05 -19.54
CA ILE A 36 2.49 4.90 -19.43
C ILE A 36 1.97 4.39 -20.77
N LEU A 37 2.09 5.16 -21.85
CA LEU A 37 1.69 4.66 -23.15
C LEU A 37 2.80 3.87 -23.86
N VAL A 38 4.00 3.83 -23.27
CA VAL A 38 5.12 3.10 -23.86
C VAL A 38 5.03 1.64 -23.45
N LYS A 39 5.24 0.76 -24.41
CA LYS A 39 5.31 -0.67 -24.14
C LYS A 39 6.60 -0.99 -23.40
N CYS A 40 6.48 -1.49 -22.16
CA CYS A 40 7.65 -1.72 -21.33
C CYS A 40 7.73 -3.11 -20.72
N ILE A 41 6.76 -3.98 -20.95
CA ILE A 41 6.77 -5.33 -20.40
C ILE A 41 6.74 -6.32 -21.56
N GLN A 42 7.70 -7.23 -21.58
CA GLN A 42 7.83 -8.22 -22.65
C GLN A 42 7.61 -9.61 -22.08
N THR A 43 6.76 -10.39 -22.75
CA THR A 43 6.53 -11.76 -22.35
C THR A 43 7.44 -12.68 -23.15
N GLU A 44 7.42 -13.96 -22.79
CA GLU A 44 8.44 -14.90 -23.27
C GLU A 44 8.29 -15.19 -24.75
N ASP A 45 7.15 -14.89 -25.35
CA ASP A 45 6.98 -15.01 -26.79
C ASP A 45 7.45 -13.77 -27.53
N GLY A 46 8.00 -12.79 -26.81
CA GLY A 46 8.50 -11.57 -27.41
C GLY A 46 7.50 -10.44 -27.51
N LYS A 47 6.23 -10.68 -27.17
CA LYS A 47 5.23 -9.63 -27.29
C LYS A 47 5.43 -8.58 -26.22
N TRP A 48 5.07 -7.33 -26.56
CA TRP A 48 5.26 -6.19 -25.66
C TRP A 48 3.92 -5.62 -25.22
N PHE A 49 3.90 -5.11 -23.99
CA PHE A 49 2.70 -4.59 -23.35
C PHE A 49 3.04 -3.30 -22.62
N THR A 50 2.11 -2.33 -22.66
CA THR A 50 2.13 -1.26 -21.68
C THR A 50 1.68 -1.83 -20.34
N PRO A 51 1.87 -1.08 -19.24
CA PRO A 51 1.39 -1.60 -17.94
C PRO A 51 -0.09 -1.93 -17.94
N THR A 52 -0.93 -1.05 -18.50
CA THR A 52 -2.36 -1.35 -18.48
C THR A 52 -2.70 -2.51 -19.42
N GLU A 53 -2.00 -2.63 -20.55
CA GLU A 53 -2.23 -3.79 -21.42
C GLU A 53 -1.84 -5.09 -20.73
N PHE A 54 -0.81 -5.04 -19.89
CA PHE A 54 -0.40 -6.21 -19.13
C PHE A 54 -1.40 -6.52 -18.02
N GLU A 55 -2.00 -5.48 -17.44
CA GLU A 55 -3.07 -5.69 -16.46
C GLU A 55 -4.22 -6.45 -17.10
N ILE A 56 -4.59 -6.04 -18.32
CA ILE A 56 -5.68 -6.71 -19.04
C ILE A 56 -5.30 -8.16 -19.35
N LYS A 57 -4.09 -8.35 -19.85
CA LYS A 57 -3.63 -9.69 -20.21
C LYS A 57 -3.67 -10.63 -19.03
N GLY A 58 -3.32 -10.13 -17.84
CA GLY A 58 -3.39 -10.99 -16.69
C GLY A 58 -4.75 -11.17 -16.05
N GLY A 59 -5.81 -10.68 -16.66
CA GLY A 59 -7.16 -10.90 -16.16
C GLY A 59 -7.66 -9.85 -15.21
N HIS A 60 -6.96 -8.72 -15.08
CA HIS A 60 -7.28 -7.68 -14.10
C HIS A 60 -7.80 -6.42 -14.76
N ALA A 61 -8.36 -6.54 -15.98
CA ALA A 61 -8.96 -5.38 -16.64
C ALA A 61 -9.86 -4.59 -15.69
N ARG A 62 -10.69 -5.30 -14.90
CA ARG A 62 -11.70 -4.61 -14.10
C ARG A 62 -11.12 -3.90 -12.89
N SER A 63 -9.84 -4.14 -12.55
CA SER A 63 -9.24 -3.45 -11.40
C SER A 63 -8.88 -2.01 -11.71
N LYS A 64 -8.56 -1.71 -12.97
CA LYS A 64 -8.26 -0.33 -13.38
C LYS A 64 -7.20 0.30 -12.47
N ASN A 65 -6.12 -0.44 -12.23
CA ASN A 65 -5.02 0.15 -11.44
C ASN A 65 -3.78 -0.72 -11.63
N TRP A 66 -3.03 -0.43 -12.70
CA TRP A 66 -1.90 -1.31 -13.02
C TRP A 66 -0.81 -1.21 -11.97
N ARG A 67 -0.67 -0.07 -11.29
CA ARG A 67 0.31 0.04 -10.22
C ARG A 67 0.00 -0.90 -9.04
N LEU A 68 -1.25 -1.34 -8.89
CA LEU A 68 -1.58 -2.31 -7.85
C LEU A 68 -1.76 -3.74 -8.38
N SER A 69 -2.27 -3.87 -9.62
CA SER A 69 -2.52 -5.18 -10.21
C SER A 69 -1.23 -5.88 -10.61
N VAL A 70 -0.25 -5.14 -11.11
CA VAL A 70 1.02 -5.74 -11.52
C VAL A 70 1.94 -5.85 -10.32
N ARG A 71 2.55 -7.02 -10.14
CA ARG A 71 3.33 -7.30 -8.95
C ARG A 71 4.79 -7.59 -9.31
N CYS A 72 5.68 -7.31 -8.36
CA CYS A 72 7.07 -7.73 -8.48
C CYS A 72 7.54 -8.17 -7.11
N GLY A 73 8.04 -9.41 -7.02
CA GLY A 73 8.43 -9.95 -5.74
C GLY A 73 7.30 -9.99 -4.75
N GLY A 74 6.06 -10.15 -5.23
CA GLY A 74 4.89 -10.16 -4.36
C GLY A 74 4.33 -8.79 -4.03
N TRP A 75 5.09 -7.72 -4.24
CA TRP A 75 4.66 -6.36 -3.98
C TRP A 75 3.98 -5.75 -5.20
N PRO A 76 2.98 -4.90 -5.00
CA PRO A 76 2.53 -4.06 -6.12
C PRO A 76 3.66 -3.18 -6.59
N LEU A 77 3.63 -2.84 -7.88
CA LEU A 77 4.62 -1.89 -8.39
C LEU A 77 4.59 -0.58 -7.60
N ARG A 78 3.42 -0.21 -7.07
CA ARG A 78 3.30 1.01 -6.27
C ARG A 78 4.29 1.00 -5.12
N TRP A 79 4.54 -0.17 -4.54
CA TRP A 79 5.45 -0.25 -3.39
C TRP A 79 6.89 0.05 -3.82
N LEU A 80 7.30 -0.51 -4.96
CA LEU A 80 8.63 -0.23 -5.49
C LEU A 80 8.80 1.25 -5.83
N MET A 81 7.73 1.90 -6.28
CA MET A 81 7.80 3.34 -6.50
C MET A 81 7.95 4.10 -5.19
N GLU A 82 7.14 3.75 -4.18
CA GLU A 82 7.22 4.41 -2.89
C GLU A 82 8.57 4.24 -2.23
N ASN A 83 9.29 3.17 -2.56
CA ASN A 83 10.59 2.89 -1.94
C ASN A 83 11.76 3.17 -2.86
N GLY A 84 11.55 3.91 -3.95
CA GLY A 84 12.64 4.41 -4.76
C GLY A 84 13.33 3.41 -5.68
N PHE A 85 12.62 2.37 -6.09
CA PHE A 85 13.20 1.34 -6.95
C PHE A 85 12.64 1.37 -8.36
N LEU A 86 11.65 2.22 -8.60
CA LEU A 86 10.98 2.18 -9.88
C LEU A 86 10.49 3.59 -10.19
N PRO A 87 10.69 4.07 -11.42
CA PRO A 87 10.14 5.38 -11.78
C PRO A 87 8.63 5.36 -11.74
N ASP A 88 8.04 6.45 -11.25
CA ASP A 88 6.59 6.62 -11.38
C ASP A 88 6.33 7.46 -12.62
N PRO A 89 5.87 6.87 -13.72
CA PRO A 89 5.74 7.65 -14.96
C PRO A 89 4.80 8.83 -14.75
N PRO A 90 4.97 9.89 -15.53
CA PRO A 90 4.10 11.06 -15.37
C PRO A 90 2.65 10.73 -15.68
N ARG A 91 1.75 11.38 -14.96
CA ARG A 91 0.32 11.25 -15.25
C ARG A 91 -0.04 12.06 -16.49
N ILE A 92 -1.04 11.55 -17.23
CA ILE A 92 -1.47 12.21 -18.45
C ILE A 92 -2.73 13.02 -18.20
N THR B 8 4.61 18.37 10.92
CA THR B 8 5.44 17.18 10.74
C THR B 8 5.13 16.16 11.82
N VAL B 9 5.37 14.88 11.54
CA VAL B 9 5.03 13.79 12.46
C VAL B 9 6.24 12.90 12.68
N ASP B 10 6.55 12.62 13.94
CA ASP B 10 7.67 11.72 14.28
C ASP B 10 7.12 10.29 14.32
N PHE B 11 7.37 9.53 13.25
CA PHE B 11 6.83 8.18 13.14
C PHE B 11 7.44 7.21 14.13
N LYS B 12 8.57 7.55 14.76
CA LYS B 12 9.20 6.63 15.70
C LYS B 12 8.72 6.81 17.13
N ALA B 13 7.96 7.88 17.40
CA ALA B 13 7.48 8.16 18.74
C ALA B 13 6.50 7.08 19.21
N PRO B 14 6.35 6.90 20.54
CA PRO B 14 5.39 5.90 21.04
C PRO B 14 3.95 6.31 20.86
N LEU B 15 3.68 7.60 20.69
CA LEU B 15 2.36 8.13 20.44
C LEU B 15 2.32 8.75 19.05
N LEU B 16 1.26 8.47 18.30
CA LEU B 16 1.13 8.95 16.94
C LEU B 16 -0.17 9.74 16.79
N PRO B 17 -0.13 10.93 16.20
CA PRO B 17 -1.37 11.62 15.84
C PRO B 17 -1.93 10.96 14.58
N VAL B 18 -3.19 10.54 14.66
CA VAL B 18 -3.84 9.84 13.56
C VAL B 18 -5.10 10.59 13.18
N THR B 19 -5.64 10.24 12.02
CA THR B 19 -6.88 10.83 11.53
C THR B 19 -7.68 9.77 10.78
N CYS B 20 -8.99 9.97 10.76
CA CYS B 20 -9.87 9.12 9.98
C CYS B 20 -11.12 9.91 9.66
N GLY B 21 -11.35 10.16 8.38
CA GLY B 21 -12.52 10.93 7.98
C GLY B 21 -12.59 12.28 8.65
N GLY B 22 -11.44 12.92 8.87
CA GLY B 22 -11.41 14.22 9.52
C GLY B 22 -11.54 14.18 11.02
N VAL B 23 -11.61 13.00 11.63
CA VAL B 23 -11.56 12.87 13.09
C VAL B 23 -10.10 12.69 13.50
N LYS B 24 -9.67 13.43 14.52
CA LYS B 24 -8.32 13.37 15.05
C LYS B 24 -8.26 12.46 16.26
N GLY B 25 -7.12 11.77 16.42
CA GLY B 25 -6.90 10.97 17.59
C GLY B 25 -5.42 10.72 17.84
N ILE B 26 -5.14 10.07 18.96
CA ILE B 26 -3.78 9.75 19.36
C ILE B 26 -3.67 8.23 19.51
N LEU B 27 -2.83 7.61 18.70
CA LEU B 27 -2.63 6.17 18.73
C LEU B 27 -1.47 5.84 19.66
N HIS B 28 -1.72 4.97 20.62
CA HIS B 28 -0.72 4.54 21.59
C HIS B 28 -0.17 3.20 21.11
N LYS B 29 1.08 3.20 20.62
CA LYS B 29 1.66 1.98 20.07
C LYS B 29 1.69 0.85 21.10
N LYS B 30 1.90 1.18 22.37
CA LYS B 30 1.97 0.14 23.39
C LYS B 30 0.64 -0.57 23.50
N LYS B 31 -0.45 0.12 23.21
CA LYS B 31 -1.77 -0.50 23.31
C LYS B 31 -2.10 -1.29 22.05
N LEU B 32 -1.76 -0.75 20.88
CA LEU B 32 -2.02 -1.49 19.66
C LEU B 32 -1.31 -2.84 19.69
N GLN B 33 -0.12 -2.88 20.29
CA GLN B 33 0.69 -4.08 20.34
C GLN B 33 0.00 -5.19 21.12
N GLN B 34 -0.99 -4.84 21.94
CA GLN B 34 -1.73 -5.83 22.70
C GLN B 34 -2.85 -6.47 21.88
N GLY B 35 -3.08 -6.01 20.65
CA GLY B 35 -4.05 -6.66 19.78
C GLY B 35 -5.17 -5.76 19.32
N ILE B 36 -5.86 -6.13 18.24
CA ILE B 36 -6.87 -5.26 17.64
C ILE B 36 -8.11 -5.10 18.51
N LEU B 37 -8.25 -5.89 19.58
CA LEU B 37 -9.41 -5.75 20.44
C LEU B 37 -9.17 -4.74 21.55
N VAL B 38 -7.99 -4.18 21.63
CA VAL B 38 -7.63 -3.28 22.73
C VAL B 38 -7.81 -1.86 22.25
N LYS B 39 -8.42 -1.03 23.10
CA LYS B 39 -8.61 0.37 22.73
C LYS B 39 -7.27 1.09 22.77
N CYS B 40 -6.87 1.67 21.64
CA CYS B 40 -5.54 2.23 21.54
C CYS B 40 -5.51 3.63 20.96
N ILE B 41 -6.66 4.18 20.59
CA ILE B 41 -6.76 5.50 20.00
C ILE B 41 -7.65 6.33 20.90
N GLN B 42 -7.18 7.50 21.32
CA GLN B 42 -7.94 8.38 22.20
C GLN B 42 -8.19 9.69 21.46
N THR B 43 -9.44 10.15 21.48
CA THR B 43 -9.77 11.42 20.86
C THR B 43 -9.66 12.56 21.88
N GLU B 44 -9.77 13.79 21.38
CA GLU B 44 -9.50 14.95 22.22
C GLU B 44 -10.38 14.97 23.45
N ASP B 45 -11.62 14.52 23.32
CA ASP B 45 -12.55 14.50 24.44
C ASP B 45 -12.28 13.38 25.44
N GLY B 46 -11.21 12.61 25.26
CA GLY B 46 -10.85 11.58 26.20
C GLY B 46 -11.40 10.20 25.90
N LYS B 47 -12.30 10.07 24.93
CA LYS B 47 -12.88 8.78 24.58
C LYS B 47 -11.85 7.89 23.88
N TRP B 48 -12.01 6.58 24.03
CA TRP B 48 -11.07 5.59 23.53
C TRP B 48 -11.74 4.71 22.48
N PHE B 49 -10.93 4.25 21.52
CA PHE B 49 -11.40 3.43 20.40
C PHE B 49 -10.38 2.37 20.04
N THR B 50 -10.85 1.17 19.73
CA THR B 50 -10.05 0.24 18.95
C THR B 50 -9.88 0.79 17.53
N PRO B 51 -8.93 0.26 16.77
CA PRO B 51 -8.75 0.72 15.38
C PRO B 51 -10.03 0.66 14.56
N THR B 52 -10.75 -0.46 14.63
CA THR B 52 -11.96 -0.55 13.82
C THR B 52 -13.05 0.36 14.36
N GLU B 53 -13.13 0.51 15.70
CA GLU B 53 -14.04 1.50 16.25
C GLU B 53 -13.69 2.90 15.78
N PHE B 54 -12.39 3.19 15.61
CA PHE B 54 -11.99 4.51 15.14
C PHE B 54 -12.28 4.67 13.66
N GLU B 55 -12.13 3.59 12.89
CA GLU B 55 -12.57 3.62 11.50
C GLU B 55 -14.06 3.92 11.40
N ILE B 56 -14.87 3.30 12.27
CA ILE B 56 -16.30 3.60 12.27
C ILE B 56 -16.54 5.05 12.67
N LYS B 57 -15.83 5.52 13.69
CA LYS B 57 -15.99 6.89 14.15
C LYS B 57 -15.73 7.89 13.01
N GLY B 58 -14.68 7.65 12.22
CA GLY B 58 -14.38 8.54 11.13
C GLY B 58 -15.25 8.39 9.89
N GLY B 59 -16.30 7.57 9.98
CA GLY B 59 -17.22 7.41 8.87
C GLY B 59 -16.78 6.46 7.78
N HIS B 60 -15.78 5.62 8.06
CA HIS B 60 -15.25 4.67 7.08
C HIS B 60 -15.62 3.23 7.39
N ALA B 61 -16.75 3.00 8.07
CA ALA B 61 -17.13 1.62 8.38
C ALA B 61 -17.20 0.76 7.13
N ARG B 62 -17.73 1.31 6.04
CA ARG B 62 -17.93 0.53 4.83
C ARG B 62 -16.63 0.12 4.16
N SER B 63 -15.51 0.76 4.48
CA SER B 63 -14.24 0.38 3.88
C SER B 63 -13.68 -0.91 4.43
N LYS B 64 -14.04 -1.29 5.66
CA LYS B 64 -13.63 -2.58 6.21
C LYS B 64 -12.11 -2.80 6.12
N ASN B 65 -11.34 -1.79 6.52
CA ASN B 65 -9.88 -1.92 6.51
C ASN B 65 -9.30 -0.73 7.28
N TRP B 66 -9.15 -0.90 8.60
CA TRP B 66 -8.64 0.22 9.40
C TRP B 66 -7.19 0.54 9.04
N ARG B 67 -6.40 -0.46 8.63
CA ARG B 67 -5.01 -0.19 8.23
C ARG B 67 -4.93 0.79 7.06
N LEU B 68 -5.95 0.84 6.22
CA LEU B 68 -6.00 1.80 5.12
C LEU B 68 -6.82 3.04 5.42
N SER B 69 -7.87 2.91 6.26
CA SER B 69 -8.75 4.03 6.56
C SER B 69 -8.14 5.01 7.54
N VAL B 70 -7.33 4.53 8.46
CA VAL B 70 -6.71 5.37 9.46
C VAL B 70 -5.38 5.85 8.90
N ARG B 71 -5.07 7.13 9.11
CA ARG B 71 -3.90 7.72 8.48
C ARG B 71 -3.05 8.44 9.52
N CYS B 72 -1.77 8.57 9.19
CA CYS B 72 -0.81 9.22 10.07
C CYS B 72 0.18 9.98 9.20
N GLY B 73 0.24 11.29 9.41
CA GLY B 73 1.10 12.11 8.57
C GLY B 73 0.81 11.95 7.09
N GLY B 74 -0.45 11.77 6.72
CA GLY B 74 -0.82 11.64 5.33
C GLY B 74 -0.60 10.28 4.71
N TRP B 75 -0.21 9.28 5.50
CA TRP B 75 0.00 7.93 5.02
C TRP B 75 -0.97 6.99 5.72
N PRO B 76 -1.48 5.97 5.04
CA PRO B 76 -2.27 4.96 5.76
C PRO B 76 -1.36 4.23 6.74
N LEU B 77 -1.98 3.72 7.82
CA LEU B 77 -1.18 3.00 8.80
C LEU B 77 -0.41 1.84 8.18
N ARG B 78 -0.95 1.25 7.11
N ARG B 78 -0.95 1.26 7.10
CA ARG B 78 -0.23 0.16 6.46
CA ARG B 78 -0.24 0.16 6.45
C ARG B 78 1.15 0.60 6.00
C ARG B 78 1.15 0.60 6.00
N TRP B 79 1.26 1.86 5.57
CA TRP B 79 2.56 2.38 5.13
C TRP B 79 3.52 2.48 6.30
N LEU B 80 3.03 2.92 7.47
CA LEU B 80 3.88 2.93 8.66
C LEU B 80 4.36 1.51 8.99
N MET B 81 3.48 0.52 8.87
CA MET B 81 3.89 -0.85 9.15
C MET B 81 4.92 -1.36 8.16
N GLU B 82 4.70 -1.10 6.86
CA GLU B 82 5.65 -1.49 5.84
C GLU B 82 7.01 -0.81 6.02
N ASN B 83 7.04 0.38 6.60
CA ASN B 83 8.28 1.15 6.74
C ASN B 83 8.95 0.99 8.10
N GLY B 84 8.42 0.10 8.96
CA GLY B 84 9.04 -0.20 10.24
C GLY B 84 8.73 0.75 11.37
N PHE B 85 7.75 1.63 11.22
CA PHE B 85 7.41 2.61 12.24
C PHE B 85 6.30 2.15 13.18
N LEU B 86 5.64 1.04 12.87
CA LEU B 86 4.45 0.65 13.61
C LEU B 86 4.30 -0.86 13.55
N PRO B 87 4.24 -1.54 14.70
CA PRO B 87 4.00 -2.98 14.70
C PRO B 87 2.67 -3.32 14.05
N ASP B 88 2.65 -4.44 13.32
CA ASP B 88 1.42 -4.91 12.68
C ASP B 88 0.79 -5.98 13.56
N PRO B 89 -0.33 -5.68 14.22
CA PRO B 89 -0.85 -6.63 15.22
C PRO B 89 -1.29 -7.92 14.57
N PRO B 90 -1.31 -9.01 15.32
CA PRO B 90 -1.59 -10.32 14.73
C PRO B 90 -3.04 -10.42 14.24
N ARG B 91 -3.26 -11.35 13.32
CA ARG B 91 -4.62 -11.65 12.90
C ARG B 91 -5.31 -12.49 13.96
N ILE B 92 -6.64 -12.41 13.99
CA ILE B 92 -7.45 -13.30 14.82
C ILE B 92 -7.78 -14.53 13.98
N ARG B 93 -7.41 -15.71 14.46
CA ARG B 93 -7.58 -16.91 13.66
C ARG B 93 -9.04 -17.31 13.56
N TYR B 94 -9.36 -18.00 12.46
CA TYR B 94 -10.73 -18.40 12.14
C TYR B 94 -11.09 -19.71 12.83
SE SEY E . 10.18 -13.61 -20.75
C SEY E . 11.35 -12.25 -21.09
N2 SEY E . 10.92 -11.03 -21.42
N1 SEY E . 12.66 -12.43 -20.99
H2 SEY E . 10.06 -10.88 -21.50
H3 SEY E . 12.97 -13.21 -20.77
H4 SEY E . 13.21 -11.76 -21.15
H1 SEY E . 11.50 -10.38 -21.58
#